data_9L6D
#
_entry.id   9L6D
#
_cell.length_a   65.855
_cell.length_b   87.096
_cell.length_c   78.823
_cell.angle_alpha   90.000
_cell.angle_beta   112.590
_cell.angle_gamma   90.000
#
_symmetry.space_group_name_H-M   'C 1 2 1'
#
loop_
_entity.id
_entity.type
_entity.pdbx_description
1 polymer Azurin
2 non-polymer 'COPPER (II) ION'
3 non-polymer 'TERBIUM(III) ION'
4 water water
#
_entity_poly.entity_id   1
_entity_poly.type   'polypeptide(L)'
_entity_poly.pdbx_seq_one_letter_code
;MAECSVDIQGNDQMQFNTNAITVDKSCKQFTVNLSHPGNLPKNVMGHNWVLSTAADMQGVVTDGMASGLDKDYLKPDDSR
VIAHTKLIGSGEKDSVTFDVSKLKEGEQYMFFCTFSGYIDTNNDGWIEGDELYSPGHSALMKGTLTLK
;
_entity_poly.pdbx_strand_id   A,B,C
#
# COMPACT_ATOMS: atom_id res chain seq x y z
N MET A 1 -7.22 -35.36 -5.01
CA MET A 1 -5.76 -35.19 -5.32
C MET A 1 -5.37 -33.72 -5.27
N ALA A 2 -4.18 -33.44 -4.74
CA ALA A 2 -3.73 -32.08 -4.51
C ALA A 2 -3.43 -31.34 -5.81
N GLU A 3 -3.71 -30.04 -5.85
CA GLU A 3 -3.25 -29.16 -6.93
C GLU A 3 -1.86 -28.65 -6.54
N CYS A 4 -0.88 -28.86 -7.43
CA CYS A 4 0.52 -28.55 -7.16
C CYS A 4 1.10 -27.65 -8.25
N SER A 5 0.24 -26.85 -8.88
CA SER A 5 0.67 -25.89 -9.89
C SER A 5 -0.27 -24.71 -9.92
N VAL A 6 0.22 -23.61 -10.49
CA VAL A 6 -0.59 -22.41 -10.70
C VAL A 6 -0.17 -21.77 -12.02
N ASP A 7 -1.14 -21.21 -12.75
CA ASP A 7 -0.88 -20.46 -13.97
C ASP A 7 -1.03 -18.98 -13.67
N ILE A 8 -0.02 -18.20 -14.03
CA ILE A 8 0.03 -16.77 -13.72
C ILE A 8 0.33 -15.99 -14.99
N GLN A 9 -0.37 -14.88 -15.14
CA GLN A 9 -0.18 -13.94 -16.24
C GLN A 9 0.35 -12.64 -15.68
N GLY A 10 1.32 -12.06 -16.38
CA GLY A 10 1.80 -10.71 -16.09
C GLY A 10 1.58 -9.88 -17.34
N ASN A 11 0.92 -8.72 -17.22
CA ASN A 11 0.48 -7.96 -18.40
C ASN A 11 1.20 -6.61 -18.56
N ASP A 12 0.82 -5.84 -19.59
CA ASP A 12 1.46 -4.56 -19.89
C ASP A 12 1.09 -3.42 -18.92
N GLN A 13 0.08 -3.62 -18.07
CA GLN A 13 -0.27 -2.66 -17.01
C GLN A 13 0.44 -2.99 -15.66
N MET A 14 1.50 -3.82 -15.68
CA MET A 14 2.28 -4.17 -14.48
C MET A 14 1.41 -4.80 -13.39
N GLN A 15 0.69 -5.85 -13.77
CA GLN A 15 -0.18 -6.60 -12.87
C GLN A 15 0.02 -8.09 -13.05
N PHE A 16 0.12 -8.83 -11.95
CA PHE A 16 -0.13 -10.27 -11.98
C PHE A 16 -1.63 -10.50 -11.81
N ASN A 17 -2.13 -11.64 -12.30
CA ASN A 17 -3.55 -12.01 -12.13
C ASN A 17 -3.88 -12.83 -10.86
N THR A 18 -2.94 -12.90 -9.91
CA THR A 18 -3.19 -13.32 -8.53
C THR A 18 -2.41 -12.46 -7.54
N ASN A 19 -2.91 -12.39 -6.31
CA ASN A 19 -2.22 -11.71 -5.20
C ASN A 19 -1.81 -12.68 -4.09
N ALA A 20 -2.16 -13.97 -4.24
CA ALA A 20 -1.97 -14.91 -3.12
C ALA A 20 -1.96 -16.35 -3.61
N ILE A 21 -0.89 -17.06 -3.22
CA ILE A 21 -0.72 -18.48 -3.50
C ILE A 21 -0.73 -19.18 -2.14
N THR A 22 -1.48 -20.28 -2.03
CA THR A 22 -1.42 -21.17 -0.88
C THR A 22 -0.98 -22.54 -1.37
N VAL A 23 0.23 -22.97 -0.98
CA VAL A 23 0.78 -24.25 -1.45
C VAL A 23 0.30 -25.37 -0.51
N ASP A 24 -0.21 -26.45 -1.11
CA ASP A 24 -0.70 -27.62 -0.38
C ASP A 24 0.48 -28.42 0.15
N LYS A 25 0.51 -28.66 1.47
CA LYS A 25 1.57 -29.42 2.15
C LYS A 25 1.85 -30.80 1.55
N SER A 26 0.84 -31.46 1.03
CA SER A 26 1.03 -32.80 0.44
C SER A 26 1.66 -32.77 -0.96
N CYS A 27 1.82 -31.58 -1.55
CA CYS A 27 2.63 -31.44 -2.78
C CYS A 27 4.10 -31.67 -2.49
N LYS A 28 4.75 -32.53 -3.26
CA LYS A 28 6.20 -32.70 -3.17
C LYS A 28 6.92 -31.51 -3.85
N GLN A 29 6.43 -31.13 -5.02
CA GLN A 29 6.94 -29.98 -5.76
C GLN A 29 5.78 -29.08 -6.16
N PHE A 30 6.08 -27.80 -6.35
CA PHE A 30 5.10 -26.82 -6.81
C PHE A 30 5.64 -26.18 -8.08
N THR A 31 4.75 -25.89 -9.03
CA THR A 31 5.13 -25.35 -10.34
C THR A 31 4.34 -24.07 -10.66
N VAL A 32 5.04 -23.02 -11.09
CA VAL A 32 4.42 -21.79 -11.55
C VAL A 32 4.60 -21.72 -13.07
N ASN A 33 3.49 -21.53 -13.79
CA ASN A 33 3.50 -21.39 -15.24
C ASN A 33 3.22 -19.93 -15.57
N LEU A 34 4.27 -19.19 -15.91
CA LEU A 34 4.17 -17.75 -16.15
C LEU A 34 3.94 -17.49 -17.64
N SER A 35 3.02 -16.59 -17.94
CA SER A 35 2.79 -16.14 -19.32
C SER A 35 2.63 -14.62 -19.28
N HIS A 36 2.67 -14.02 -20.46
CA HIS A 36 2.73 -12.57 -20.58
C HIS A 36 1.82 -12.06 -21.70
N PRO A 37 0.54 -11.82 -21.40
CA PRO A 37 -0.31 -11.11 -22.36
C PRO A 37 0.13 -9.67 -22.58
N GLY A 38 -0.10 -9.13 -23.77
CA GLY A 38 0.26 -7.76 -24.09
C GLY A 38 1.04 -7.66 -25.39
N ASN A 39 1.55 -6.47 -25.67
CA ASN A 39 2.29 -6.16 -26.89
C ASN A 39 3.75 -5.73 -26.68
N LEU A 40 4.12 -5.35 -25.46
CA LEU A 40 5.42 -4.75 -25.20
C LEU A 40 6.49 -5.84 -25.07
N PRO A 41 7.70 -5.56 -25.63
CA PRO A 41 8.79 -6.54 -25.56
C PRO A 41 9.43 -6.69 -24.17
N LYS A 42 10.22 -7.76 -24.03
CA LYS A 42 10.89 -8.13 -22.78
C LYS A 42 11.71 -6.99 -22.18
N ASN A 43 12.49 -6.32 -23.01
CA ASN A 43 13.40 -5.27 -22.51
C ASN A 43 12.70 -4.03 -21.99
N VAL A 44 11.45 -3.82 -22.38
CA VAL A 44 10.65 -2.65 -21.96
C VAL A 44 9.65 -2.98 -20.86
N MET A 45 9.04 -4.17 -20.91
CA MET A 45 7.97 -4.53 -19.99
C MET A 45 8.10 -5.99 -19.57
N GLY A 46 9.31 -6.45 -19.33
CA GLY A 46 9.58 -7.84 -19.01
C GLY A 46 9.11 -8.22 -17.60
N HIS A 47 8.66 -9.46 -17.44
CA HIS A 47 8.28 -9.96 -16.12
C HIS A 47 9.00 -11.26 -15.79
N ASN A 48 9.27 -11.43 -14.49
CA ASN A 48 9.63 -12.74 -13.94
C ASN A 48 8.73 -13.01 -12.75
N TRP A 49 8.80 -14.23 -12.23
CA TRP A 49 8.14 -14.59 -10.97
C TRP A 49 9.25 -15.10 -10.07
N VAL A 50 9.47 -14.41 -8.94
CA VAL A 50 10.56 -14.77 -8.01
C VAL A 50 10.04 -14.81 -6.58
N LEU A 51 10.55 -15.78 -5.83
CA LEU A 51 10.06 -16.13 -4.51
C LEU A 51 11.18 -15.93 -3.47
N SER A 52 10.86 -15.20 -2.41
CA SER A 52 11.72 -15.10 -1.23
C SER A 52 10.84 -15.07 0.01
N THR A 53 11.47 -15.07 1.18
CA THR A 53 10.78 -14.74 2.43
C THR A 53 10.35 -13.27 2.35
N ALA A 54 9.36 -12.89 3.13
CA ALA A 54 8.93 -11.48 3.20
C ALA A 54 10.11 -10.60 3.62
N ALA A 55 10.85 -11.06 4.62
CA ALA A 55 12.04 -10.36 5.13
C ALA A 55 13.06 -10.04 4.05
N ASP A 56 13.31 -11.00 3.17
CA ASP A 56 14.33 -10.87 2.12
C ASP A 56 13.92 -10.08 0.86
N MET A 57 12.63 -9.85 0.66
CA MET A 57 12.12 -9.25 -0.58
C MET A 57 12.83 -7.95 -0.97
N GLN A 58 12.85 -7.00 -0.04
CA GLN A 58 13.44 -5.69 -0.29
C GLN A 58 14.90 -5.81 -0.76
N GLY A 59 15.64 -6.74 -0.14
CA GLY A 59 17.02 -7.02 -0.54
C GLY A 59 17.16 -7.61 -1.94
N VAL A 60 16.32 -8.59 -2.29
CA VAL A 60 16.41 -9.21 -3.62
C VAL A 60 15.93 -8.24 -4.73
N VAL A 61 14.92 -7.39 -4.44
CA VAL A 61 14.45 -6.44 -5.48
C VAL A 61 15.50 -5.36 -5.75
N THR A 62 16.13 -4.84 -4.69
CA THR A 62 17.18 -3.82 -4.81
C THR A 62 18.40 -4.33 -5.57
N ASP A 63 18.94 -5.48 -5.15
CA ASP A 63 20.11 -6.06 -5.83
C ASP A 63 19.79 -6.53 -7.25
N GLY A 64 18.56 -6.97 -7.48
CA GLY A 64 18.08 -7.25 -8.83
C GLY A 64 18.06 -6.01 -9.70
N MET A 65 17.54 -4.91 -9.15
CA MET A 65 17.53 -3.61 -9.84
C MET A 65 18.94 -3.23 -10.29
N ALA A 66 19.89 -3.30 -9.36
CA ALA A 66 21.30 -3.00 -9.62
C ALA A 66 21.97 -3.93 -10.63
N SER A 67 21.59 -5.21 -10.61
CA SER A 67 22.14 -6.20 -11.52
C SER A 67 21.76 -5.92 -12.97
N GLY A 68 20.55 -5.41 -13.18
CA GLY A 68 20.13 -4.91 -14.47
C GLY A 68 19.64 -5.97 -15.44
N LEU A 69 19.30 -5.49 -16.64
CA LEU A 69 18.66 -6.31 -17.68
C LEU A 69 19.48 -7.54 -18.11
N ASP A 70 20.80 -7.40 -18.22
CA ASP A 70 21.68 -8.48 -18.67
C ASP A 70 21.78 -9.66 -17.69
N LYS A 71 21.43 -9.44 -16.42
CA LYS A 71 21.33 -10.50 -15.42
C LYS A 71 19.86 -10.85 -15.06
N ASP A 72 18.93 -10.56 -15.97
CA ASP A 72 17.48 -10.75 -15.76
C ASP A 72 16.92 -10.05 -14.52
N TYR A 73 17.48 -8.88 -14.21
CA TYR A 73 17.21 -8.16 -12.96
C TYR A 73 17.24 -9.04 -11.71
N LEU A 74 18.26 -9.88 -11.62
CA LEU A 74 18.49 -10.76 -10.47
C LEU A 74 19.98 -10.81 -10.15
N LYS A 75 20.33 -10.65 -8.87
CA LYS A 75 21.69 -10.86 -8.42
C LYS A 75 22.06 -12.31 -8.73
N PRO A 76 23.18 -12.52 -9.47
CA PRO A 76 23.63 -13.91 -9.67
C PRO A 76 23.90 -14.61 -8.34
N ASP A 77 23.46 -15.87 -8.25
CA ASP A 77 23.67 -16.73 -7.08
C ASP A 77 23.09 -16.16 -5.80
N ASP A 78 21.90 -15.56 -5.89
CA ASP A 78 21.29 -14.95 -4.71
C ASP A 78 20.66 -16.05 -3.85
N SER A 79 21.24 -16.29 -2.68
CA SER A 79 20.75 -17.34 -1.76
C SER A 79 19.35 -17.05 -1.23
N ARG A 80 18.94 -15.78 -1.23
CA ARG A 80 17.62 -15.39 -0.75
C ARG A 80 16.50 -15.79 -1.71
N VAL A 81 16.85 -16.06 -2.98
CA VAL A 81 15.85 -16.44 -3.97
C VAL A 81 15.62 -17.95 -3.91
N ILE A 82 14.45 -18.33 -3.41
CA ILE A 82 14.01 -19.72 -3.27
C ILE A 82 13.74 -20.37 -4.64
N ALA A 83 13.03 -19.64 -5.50
CA ALA A 83 12.76 -20.09 -6.86
C ALA A 83 12.48 -18.88 -7.74
N HIS A 84 12.74 -19.01 -9.04
CA HIS A 84 12.45 -17.95 -9.98
C HIS A 84 12.26 -18.47 -11.40
N THR A 85 11.38 -17.82 -12.15
CA THR A 85 11.34 -17.97 -13.60
C THR A 85 12.43 -17.09 -14.19
N LYS A 86 12.71 -17.28 -15.48
CA LYS A 86 13.50 -16.31 -16.24
C LYS A 86 12.60 -15.09 -16.54
N LEU A 87 13.21 -14.04 -17.06
CA LEU A 87 12.50 -12.84 -17.48
C LEU A 87 11.87 -13.07 -18.86
N ILE A 88 10.58 -12.78 -18.98
CA ILE A 88 9.86 -12.95 -20.25
C ILE A 88 9.16 -11.69 -20.72
N GLY A 89 9.12 -11.52 -22.04
CA GLY A 89 8.35 -10.47 -22.70
C GLY A 89 7.00 -10.96 -23.13
N SER A 90 6.21 -10.08 -23.74
CA SER A 90 4.90 -10.44 -24.27
C SER A 90 4.99 -11.58 -25.26
N GLY A 91 4.05 -12.52 -25.15
CA GLY A 91 4.02 -13.69 -26.02
C GLY A 91 4.89 -14.87 -25.62
N GLU A 92 5.75 -14.69 -24.60
CA GLU A 92 6.60 -15.76 -24.08
C GLU A 92 5.97 -16.41 -22.86
N LYS A 93 6.45 -17.62 -22.58
CA LYS A 93 6.06 -18.40 -21.41
C LYS A 93 7.32 -18.90 -20.73
N ASP A 94 7.25 -19.13 -19.43
CA ASP A 94 8.27 -19.89 -18.72
C ASP A 94 7.69 -20.52 -17.46
N SER A 95 8.24 -21.69 -17.10
CA SER A 95 7.84 -22.41 -15.89
C SER A 95 9.01 -22.63 -14.95
N VAL A 96 8.73 -22.56 -13.65
CA VAL A 96 9.68 -23.00 -12.64
C VAL A 96 9.00 -23.98 -11.71
N THR A 97 9.72 -25.04 -11.35
CA THR A 97 9.28 -26.02 -10.36
C THR A 97 10.28 -26.02 -9.22
N PHE A 98 9.79 -26.02 -7.99
CA PHE A 98 10.66 -26.09 -6.80
C PHE A 98 10.08 -27.06 -5.78
N ASP A 99 10.94 -27.56 -4.89
CA ASP A 99 10.54 -28.50 -3.85
C ASP A 99 9.81 -27.79 -2.72
N VAL A 100 8.65 -28.31 -2.29
CA VAL A 100 7.90 -27.65 -1.21
C VAL A 100 8.61 -27.84 0.16
N SER A 101 9.52 -28.80 0.23
CA SER A 101 10.42 -28.96 1.40
C SER A 101 11.27 -27.71 1.71
N LYS A 102 11.52 -26.88 0.70
CA LYS A 102 12.19 -25.59 0.89
C LYS A 102 11.34 -24.53 1.63
N LEU A 103 10.07 -24.84 1.91
CA LEU A 103 9.16 -23.96 2.65
C LEU A 103 8.88 -24.49 4.07
N LYS A 104 8.71 -23.56 5.02
CA LYS A 104 8.28 -23.87 6.39
C LYS A 104 6.88 -23.31 6.60
N GLU A 105 5.99 -24.08 7.23
CA GLU A 105 4.68 -23.53 7.61
C GLU A 105 4.89 -22.59 8.80
N GLY A 106 4.12 -21.49 8.82
CA GLY A 106 4.34 -20.39 9.75
C GLY A 106 5.18 -19.23 9.20
N GLU A 107 6.08 -19.52 8.26
CA GLU A 107 6.92 -18.50 7.62
C GLU A 107 6.10 -17.71 6.58
N GLN A 108 6.41 -16.42 6.46
CA GLN A 108 5.76 -15.53 5.49
C GLN A 108 6.65 -15.39 4.25
N TYR A 109 6.12 -15.75 3.08
CA TYR A 109 6.85 -15.57 1.80
C TYR A 109 6.12 -14.57 0.91
N MET A 110 6.89 -13.98 0.00
CA MET A 110 6.38 -13.09 -1.03
C MET A 110 6.84 -13.55 -2.42
N PHE A 111 5.95 -13.49 -3.41
CA PHE A 111 6.33 -13.59 -4.82
C PHE A 111 6.24 -12.21 -5.45
N PHE A 112 7.06 -11.96 -6.47
CA PHE A 112 7.11 -10.63 -7.10
C PHE A 112 7.91 -10.64 -8.39
N CYS A 113 7.79 -9.57 -9.16
CA CYS A 113 8.64 -9.33 -10.33
C CYS A 113 9.73 -8.30 -9.97
N THR A 114 10.96 -8.55 -10.40
CA THR A 114 12.11 -7.70 -10.07
C THR A 114 12.52 -6.75 -11.20
N PHE A 115 11.78 -6.76 -12.29
CA PHE A 115 12.10 -5.90 -13.43
C PHE A 115 11.94 -4.44 -13.04
N SER A 116 12.86 -3.61 -13.53
CA SER A 116 12.82 -2.18 -13.31
C SER A 116 13.29 -1.42 -14.54
N GLY A 117 12.32 -1.06 -15.36
CA GLY A 117 12.51 -0.10 -16.44
C GLY A 117 12.08 1.26 -15.96
N TYR A 118 12.43 2.27 -16.73
CA TYR A 118 12.13 3.66 -16.42
C TYR A 118 10.77 4.03 -17.04
N ILE A 119 10.06 4.93 -16.38
CA ILE A 119 8.79 5.44 -16.90
C ILE A 119 8.92 6.93 -17.24
N ASP A 120 8.51 7.29 -18.46
CA ASP A 120 8.56 8.68 -18.94
C ASP A 120 7.27 9.40 -18.56
N THR A 121 7.16 9.74 -17.28
CA THR A 121 5.93 10.33 -16.74
C THR A 121 5.50 11.62 -17.44
N ASN A 122 6.46 12.46 -17.85
CA ASN A 122 6.13 13.76 -18.45
C ASN A 122 6.00 13.74 -20.00
N ASN A 123 5.96 12.55 -20.60
CA ASN A 123 5.76 12.35 -22.06
C ASN A 123 6.61 13.27 -22.96
N ASP A 124 7.86 13.49 -22.59
CA ASP A 124 8.74 14.35 -23.37
C ASP A 124 9.74 13.62 -24.26
N GLY A 125 9.70 12.28 -24.27
CA GLY A 125 10.61 11.43 -25.06
C GLY A 125 11.88 10.95 -24.35
N TRP A 126 12.22 11.54 -23.20
CA TRP A 126 13.46 11.22 -22.49
C TRP A 126 13.16 10.69 -21.11
N ILE A 127 14.21 10.28 -20.40
CA ILE A 127 14.13 9.87 -19.00
C ILE A 127 15.04 10.84 -18.24
N GLU A 128 14.47 11.63 -17.34
CA GLU A 128 15.21 12.68 -16.62
C GLU A 128 14.64 12.95 -15.24
N GLY A 129 15.46 13.54 -14.38
CA GLY A 129 15.05 13.99 -13.07
C GLY A 129 14.48 12.86 -12.25
N ASP A 130 13.24 13.03 -11.78
CA ASP A 130 12.58 12.08 -10.88
C ASP A 130 12.21 10.76 -11.52
N GLU A 131 12.21 10.71 -12.85
CA GLU A 131 11.96 9.48 -13.59
C GLU A 131 13.12 8.48 -13.48
N LEU A 132 14.33 8.97 -13.17
CA LEU A 132 15.48 8.11 -12.91
C LEU A 132 15.28 7.25 -11.66
N TYR A 133 14.40 7.65 -10.75
CA TYR A 133 13.99 6.80 -9.65
C TYR A 133 12.70 6.04 -10.02
N SER A 134 12.82 4.71 -10.11
CA SER A 134 11.69 3.81 -10.20
C SER A 134 11.81 2.75 -9.11
N PRO A 135 10.70 2.43 -8.44
CA PRO A 135 10.71 1.28 -7.54
C PRO A 135 10.72 -0.08 -8.27
N GLY A 136 10.38 -0.09 -9.56
CA GLY A 136 10.34 -1.31 -10.33
C GLY A 136 8.97 -1.95 -10.25
N HIS A 137 8.84 -3.11 -10.88
CA HIS A 137 7.57 -3.80 -10.99
C HIS A 137 7.04 -4.37 -9.67
N SER A 138 7.94 -4.68 -8.74
CA SER A 138 7.56 -5.25 -7.42
C SER A 138 6.58 -4.40 -6.60
N ALA A 139 6.59 -3.09 -6.82
CA ALA A 139 5.64 -2.18 -6.18
C ALA A 139 4.20 -2.61 -6.45
N LEU A 140 3.91 -2.95 -7.70
CA LEU A 140 2.58 -3.41 -8.11
C LEU A 140 2.46 -4.91 -8.34
N MET A 141 3.55 -5.58 -8.70
CA MET A 141 3.54 -7.00 -9.05
C MET A 141 4.15 -7.79 -7.90
N LYS A 142 3.31 -8.03 -6.89
CA LYS A 142 3.71 -8.75 -5.68
C LYS A 142 2.50 -9.42 -5.05
N GLY A 143 2.77 -10.42 -4.22
CA GLY A 143 1.73 -11.14 -3.52
C GLY A 143 2.28 -12.12 -2.51
N THR A 144 1.40 -12.69 -1.71
CA THR A 144 1.81 -13.60 -0.62
C THR A 144 1.87 -15.05 -1.11
N LEU A 145 2.74 -15.83 -0.46
CA LEU A 145 2.77 -17.29 -0.65
C LEU A 145 2.87 -17.91 0.75
N THR A 146 1.97 -18.84 1.05
CA THR A 146 1.92 -19.54 2.33
C THR A 146 1.83 -21.04 2.13
N LEU A 147 2.37 -21.81 3.07
CA LEU A 147 2.29 -23.27 3.09
C LEU A 147 1.25 -23.64 4.13
N LYS A 148 0.16 -24.30 3.73
CA LYS A 148 -0.94 -24.67 4.65
C LYS A 148 -1.39 -26.13 4.51
N MET B 1 1.66 0.95 37.68
CA MET B 1 1.14 1.96 36.70
C MET B 1 1.63 1.65 35.29
N ALA B 2 0.76 1.82 34.31
CA ALA B 2 1.08 1.43 32.93
C ALA B 2 2.10 2.37 32.30
N GLU B 3 3.01 1.81 31.51
CA GLU B 3 3.99 2.62 30.77
C GLU B 3 3.39 2.87 29.40
N CYS B 4 3.32 4.13 29.00
CA CYS B 4 2.68 4.54 27.74
C CYS B 4 3.63 5.35 26.84
N SER B 5 4.91 5.07 26.98
CA SER B 5 5.95 5.66 26.18
C SER B 5 7.11 4.69 26.02
N VAL B 6 7.93 4.95 25.00
CA VAL B 6 9.15 4.20 24.78
C VAL B 6 10.21 5.16 24.24
N ASP B 7 11.45 4.96 24.67
CA ASP B 7 12.59 5.75 24.21
C ASP B 7 13.40 4.91 23.24
N ILE B 8 13.64 5.46 22.06
CA ILE B 8 14.30 4.74 20.98
C ILE B 8 15.45 5.57 20.42
N GLN B 9 16.56 4.90 20.15
CA GLN B 9 17.74 5.50 19.57
C GLN B 9 17.94 4.93 18.18
N GLY B 10 18.31 5.80 17.24
CA GLY B 10 18.76 5.36 15.91
C GLY B 10 20.16 5.89 15.73
N ASN B 11 21.12 5.03 15.34
CA ASN B 11 22.54 5.41 15.33
C ASN B 11 23.15 5.46 13.91
N ASP B 12 24.44 5.75 13.82
CA ASP B 12 25.13 5.87 12.53
C ASP B 12 25.41 4.54 11.83
N GLN B 13 25.22 3.41 12.50
CA GLN B 13 25.31 2.08 11.87
C GLN B 13 23.93 1.57 11.37
N MET B 14 22.94 2.46 11.22
CA MET B 14 21.61 2.13 10.69
C MET B 14 20.93 1.03 11.52
N GLN B 15 20.83 1.28 12.82
CA GLN B 15 20.21 0.38 13.78
C GLN B 15 19.31 1.17 14.72
N PHE B 16 18.12 0.64 14.98
CA PHE B 16 17.35 1.03 16.17
C PHE B 16 17.80 0.15 17.32
N ASN B 17 17.62 0.63 18.55
CA ASN B 17 17.94 -0.16 19.76
C ASN B 17 16.77 -1.03 20.31
N THR B 18 15.71 -1.20 19.51
CA THR B 18 14.69 -2.22 19.71
C THR B 18 14.29 -2.84 18.37
N ASN B 19 13.80 -4.07 18.43
CA ASN B 19 13.14 -4.74 17.31
C ASN B 19 11.67 -5.00 17.56
N ALA B 20 11.15 -4.63 18.73
CA ALA B 20 9.78 -4.95 19.11
C ALA B 20 9.25 -3.99 20.18
N ILE B 21 8.06 -3.44 19.90
CA ILE B 21 7.30 -2.62 20.83
C ILE B 21 6.02 -3.37 21.13
N THR B 22 5.65 -3.46 22.41
CA THR B 22 4.34 -3.99 22.82
C THR B 22 3.62 -2.89 23.60
N VAL B 23 2.55 -2.34 23.03
CA VAL B 23 1.84 -1.22 23.66
C VAL B 23 0.76 -1.78 24.60
N ASP B 24 0.72 -1.25 25.83
CA ASP B 24 -0.24 -1.65 26.86
C ASP B 24 -1.64 -1.13 26.52
N LYS B 25 -2.61 -2.06 26.46
CA LYS B 25 -4.01 -1.75 26.14
C LYS B 25 -4.66 -0.65 26.96
N SER B 26 -4.26 -0.53 28.23
CA SER B 26 -4.84 0.50 29.09
C SER B 26 -4.29 1.90 28.82
N CYS B 27 -3.26 2.03 27.98
CA CYS B 27 -2.80 3.34 27.50
C CYS B 27 -3.83 3.96 26.56
N LYS B 28 -4.21 5.20 26.84
CA LYS B 28 -5.07 5.95 25.91
C LYS B 28 -4.25 6.49 24.75
N GLN B 29 -3.06 7.00 25.05
CA GLN B 29 -2.12 7.45 24.02
C GLN B 29 -0.76 6.79 24.24
N PHE B 30 0.00 6.66 23.17
CA PHE B 30 1.35 6.09 23.23
C PHE B 30 2.30 7.09 22.61
N THR B 31 3.50 7.22 23.18
CA THR B 31 4.49 8.21 22.77
C THR B 31 5.83 7.51 22.47
N VAL B 32 6.43 7.84 21.33
CA VAL B 32 7.79 7.40 21.01
C VAL B 32 8.73 8.61 21.12
N ASN B 33 9.80 8.46 21.89
CA ASN B 33 10.80 9.50 22.06
C ASN B 33 12.04 9.04 21.31
N LEU B 34 12.25 9.64 20.13
CA LEU B 34 13.34 9.24 19.23
C LEU B 34 14.54 10.13 19.47
N SER B 35 15.72 9.52 19.54
CA SER B 35 16.96 10.24 19.63
C SER B 35 17.96 9.59 18.68
N HIS B 36 19.06 10.30 18.44
CA HIS B 36 20.01 9.91 17.41
C HIS B 36 21.45 10.08 17.89
N PRO B 37 22.00 9.04 18.55
CA PRO B 37 23.44 9.04 18.82
C PRO B 37 24.26 8.94 17.53
N GLY B 38 25.47 9.51 17.54
CA GLY B 38 26.34 9.49 16.37
C GLY B 38 26.86 10.87 16.03
N ASN B 39 27.54 10.94 14.88
CA ASN B 39 28.16 12.17 14.37
C ASN B 39 27.63 12.68 13.03
N LEU B 40 26.91 11.84 12.29
CA LEU B 40 26.52 12.16 10.93
C LEU B 40 25.28 13.05 10.92
N PRO B 41 25.23 14.04 9.99
CA PRO B 41 24.07 14.94 9.91
C PRO B 41 22.82 14.29 9.31
N LYS B 42 21.70 15.00 9.49
CA LYS B 42 20.38 14.55 9.06
C LYS B 42 20.33 14.15 7.58
N ASN B 43 20.90 14.98 6.71
CA ASN B 43 20.82 14.74 5.26
C ASN B 43 21.60 13.52 4.78
N VAL B 44 22.56 13.05 5.58
CA VAL B 44 23.39 11.88 5.24
C VAL B 44 22.95 10.60 5.96
N MET B 45 22.51 10.72 7.21
CA MET B 45 22.22 9.57 8.04
C MET B 45 20.98 9.83 8.90
N GLY B 46 19.98 10.47 8.31
CA GLY B 46 18.80 10.88 9.09
C GLY B 46 17.90 9.71 9.42
N HIS B 47 17.23 9.78 10.57
CA HIS B 47 16.26 8.75 10.94
C HIS B 47 14.92 9.36 11.29
N ASN B 48 13.86 8.61 10.99
CA ASN B 48 12.53 8.87 11.55
C ASN B 48 12.03 7.56 12.15
N TRP B 49 10.91 7.64 12.86
CA TRP B 49 10.19 6.46 13.34
C TRP B 49 8.79 6.58 12.77
N VAL B 50 8.41 5.61 11.92
CA VAL B 50 7.08 5.63 11.27
C VAL B 50 6.39 4.28 11.40
N LEU B 51 5.07 4.35 11.60
CA LEU B 51 4.27 3.21 11.98
C LEU B 51 3.20 2.96 10.91
N SER B 52 3.12 1.71 10.43
CA SER B 52 2.03 1.27 9.56
C SER B 52 1.66 -0.16 9.93
N THR B 53 0.61 -0.69 9.29
CA THR B 53 0.36 -2.13 9.33
C THR B 53 1.51 -2.83 8.61
N ALA B 54 1.70 -4.11 8.88
CA ALA B 54 2.72 -4.90 8.17
C ALA B 54 2.44 -4.88 6.66
N ALA B 55 1.17 -5.04 6.30
CA ALA B 55 0.73 -5.03 4.90
C ALA B 55 1.12 -3.76 4.17
N ASP B 56 0.98 -2.62 4.84
CA ASP B 56 1.25 -1.30 4.21
C ASP B 56 2.71 -0.87 4.16
N MET B 57 3.60 -1.52 4.90
CA MET B 57 5.00 -1.08 5.04
C MET B 57 5.69 -0.86 3.71
N GLN B 58 5.67 -1.88 2.86
CA GLN B 58 6.33 -1.85 1.55
C GLN B 58 5.87 -0.65 0.73
N GLY B 59 4.57 -0.35 0.78
CA GLY B 59 4.00 0.82 0.11
C GLY B 59 4.49 2.15 0.66
N VAL B 60 4.50 2.29 1.99
CA VAL B 60 4.94 3.57 2.59
C VAL B 60 6.46 3.77 2.42
N VAL B 61 7.28 2.70 2.46
CA VAL B 61 8.73 2.86 2.28
C VAL B 61 9.07 3.26 0.84
N THR B 62 8.40 2.63 -0.14
CA THR B 62 8.60 2.95 -1.55
C THR B 62 8.21 4.38 -1.90
N ASP B 63 7.00 4.79 -1.52
CA ASP B 63 6.53 6.16 -1.78
C ASP B 63 7.31 7.21 -0.98
N GLY B 64 7.77 6.85 0.21
CA GLY B 64 8.69 7.68 0.97
C GLY B 64 10.02 7.88 0.24
N MET B 65 10.57 6.79 -0.29
CA MET B 65 11.80 6.82 -1.08
C MET B 65 11.65 7.83 -2.24
N ALA B 66 10.56 7.68 -2.99
CA ALA B 66 10.24 8.56 -4.12
C ALA B 66 10.02 10.02 -3.74
N SER B 67 9.40 10.25 -2.58
CA SER B 67 9.14 11.59 -2.09
C SER B 67 10.41 12.36 -1.79
N GLY B 68 11.43 11.65 -1.30
CA GLY B 68 12.76 12.22 -1.15
C GLY B 68 12.96 13.08 0.09
N LEU B 69 14.18 13.61 0.19
CA LEU B 69 14.66 14.33 1.37
C LEU B 69 13.81 15.52 1.80
N ASP B 70 13.36 16.33 0.85
CA ASP B 70 12.59 17.53 1.17
C ASP B 70 11.19 17.27 1.73
N LYS B 71 10.68 16.05 1.54
CA LYS B 71 9.42 15.60 2.19
C LYS B 71 9.67 14.62 3.36
N ASP B 72 10.87 14.67 3.95
CA ASP B 72 11.29 13.79 5.06
C ASP B 72 11.20 12.30 4.71
N TYR B 73 11.44 11.97 3.45
CA TYR B 73 11.21 10.62 2.89
C TYR B 73 9.87 10.01 3.29
N LEU B 74 8.82 10.82 3.18
CA LEU B 74 7.44 10.39 3.45
C LEU B 74 6.49 11.00 2.43
N LYS B 75 5.60 10.18 1.86
CA LYS B 75 4.52 10.72 1.03
C LYS B 75 3.69 11.67 1.91
N PRO B 76 3.51 12.93 1.47
CA PRO B 76 2.67 13.82 2.27
C PRO B 76 1.24 13.28 2.40
N ASP B 77 0.68 13.35 3.61
CA ASP B 77 -0.67 12.90 3.91
C ASP B 77 -0.97 11.44 3.54
N ASP B 78 -0.01 10.57 3.84
CA ASP B 78 -0.14 9.15 3.55
C ASP B 78 -1.07 8.51 4.58
N SER B 79 -2.24 8.06 4.12
CA SER B 79 -3.26 7.42 4.97
C SER B 79 -2.75 6.16 5.69
N ARG B 80 -1.77 5.49 5.09
CA ARG B 80 -1.23 4.25 5.64
C ARG B 80 -0.34 4.47 6.87
N VAL B 81 0.14 5.71 7.03
CA VAL B 81 1.01 6.06 8.16
C VAL B 81 0.15 6.44 9.36
N ILE B 82 0.15 5.55 10.35
CA ILE B 82 -0.59 5.71 11.60
C ILE B 82 0.01 6.83 12.49
N ALA B 83 1.33 6.84 12.59
CA ALA B 83 2.05 7.89 13.31
C ALA B 83 3.47 7.97 12.79
N HIS B 84 4.09 9.14 12.90
CA HIS B 84 5.49 9.30 12.53
C HIS B 84 6.15 10.44 13.27
N THR B 85 7.44 10.29 13.56
CA THR B 85 8.28 11.42 13.97
C THR B 85 8.70 12.17 12.71
N LYS B 86 9.27 13.35 12.90
CA LYS B 86 9.99 14.00 11.80
C LYS B 86 11.35 13.30 11.62
N LEU B 87 12.04 13.68 10.55
CA LEU B 87 13.38 13.16 10.28
C LEU B 87 14.40 13.92 11.12
N ILE B 88 15.26 13.20 11.85
CA ILE B 88 16.27 13.82 12.70
C ILE B 88 17.69 13.33 12.39
N GLY B 89 18.65 14.25 12.54
CA GLY B 89 20.06 13.93 12.45
C GLY B 89 20.65 13.67 13.83
N SER B 90 21.94 13.37 13.86
CA SER B 90 22.66 13.15 15.12
C SER B 90 22.54 14.36 16.04
N GLY B 91 22.34 14.08 17.33
CA GLY B 91 22.19 15.12 18.35
C GLY B 91 20.80 15.70 18.52
N GLU B 92 19.86 15.35 17.62
CA GLU B 92 18.48 15.82 17.71
C GLU B 92 17.60 14.79 18.40
N LYS B 93 16.45 15.28 18.87
CA LYS B 93 15.38 14.47 19.42
C LYS B 93 14.08 14.85 18.74
N ASP B 94 13.14 13.92 18.69
CA ASP B 94 11.75 14.25 18.39
C ASP B 94 10.83 13.20 19.00
N SER B 95 9.63 13.64 19.38
CA SER B 95 8.60 12.77 19.93
C SER B 95 7.33 12.83 19.12
N VAL B 96 6.66 11.69 18.99
CA VAL B 96 5.32 11.63 18.44
C VAL B 96 4.43 10.89 19.42
N THR B 97 3.20 11.41 19.59
CA THR B 97 2.17 10.77 20.38
C THR B 97 0.99 10.47 19.47
N PHE B 98 0.44 9.27 19.60
CA PHE B 98 -0.77 8.89 18.86
C PHE B 98 -1.76 8.19 19.78
N ASP B 99 -3.03 8.19 19.38
CA ASP B 99 -4.10 7.52 20.12
C ASP B 99 -4.04 6.02 19.92
N VAL B 100 -4.12 5.25 21.01
CA VAL B 100 -4.06 3.77 20.92
C VAL B 100 -5.34 3.22 20.29
N SER B 101 -6.43 4.00 20.23
CA SER B 101 -7.63 3.65 19.47
C SER B 101 -7.37 3.40 17.97
N LYS B 102 -6.31 4.01 17.43
CA LYS B 102 -5.87 3.72 16.06
C LYS B 102 -5.26 2.31 15.86
N LEU B 103 -5.09 1.55 16.94
CA LEU B 103 -4.61 0.16 16.89
C LEU B 103 -5.73 -0.86 17.22
N LYS B 104 -5.66 -2.01 16.57
CA LYS B 104 -6.54 -3.17 16.87
C LYS B 104 -5.66 -4.28 17.44
N GLU B 105 -6.12 -4.94 18.50
CA GLU B 105 -5.44 -6.15 18.98
C GLU B 105 -5.68 -7.28 17.98
N GLY B 106 -4.66 -8.10 17.78
CA GLY B 106 -4.65 -9.11 16.69
C GLY B 106 -3.99 -8.67 15.39
N GLU B 107 -3.98 -7.37 15.11
CA GLU B 107 -3.39 -6.83 13.89
C GLU B 107 -1.85 -6.77 14.03
N GLN B 108 -1.16 -6.97 12.91
CA GLN B 108 0.31 -6.92 12.86
C GLN B 108 0.75 -5.55 12.34
N TYR B 109 1.53 -4.81 13.14
CA TYR B 109 2.11 -3.54 12.72
C TYR B 109 3.62 -3.62 12.65
N MET B 110 4.21 -2.70 11.87
CA MET B 110 5.65 -2.52 11.76
C MET B 110 6.03 -1.06 12.00
N PHE B 111 7.11 -0.84 12.75
CA PHE B 111 7.77 0.46 12.80
C PHE B 111 9.07 0.40 11.99
N PHE B 112 9.48 1.54 11.44
CA PHE B 112 10.67 1.57 10.57
C PHE B 112 11.11 3.00 10.27
N CYS B 113 12.33 3.12 9.73
CA CYS B 113 12.82 4.38 9.19
C CYS B 113 12.74 4.34 7.67
N THR B 114 12.29 5.43 7.06
CA THR B 114 12.07 5.51 5.61
C THR B 114 13.18 6.25 4.87
N PHE B 115 14.22 6.67 5.59
CA PHE B 115 15.32 7.41 4.97
C PHE B 115 16.06 6.52 3.95
N SER B 116 16.44 7.11 2.84
CA SER B 116 17.19 6.40 1.80
C SER B 116 18.21 7.31 1.14
N GLY B 117 19.42 7.31 1.69
CA GLY B 117 20.54 8.04 1.12
C GLY B 117 21.36 7.15 0.23
N TYR B 118 22.29 7.75 -0.50
CA TYR B 118 23.19 7.00 -1.37
C TYR B 118 24.45 6.60 -0.61
N ILE B 119 24.99 5.43 -0.92
CA ILE B 119 26.22 4.94 -0.30
C ILE B 119 27.29 4.81 -1.39
N ASP B 120 28.47 5.38 -1.16
CA ASP B 120 29.60 5.32 -2.11
C ASP B 120 30.42 4.06 -1.83
N THR B 121 29.88 2.92 -2.24
CA THR B 121 30.48 1.62 -1.95
C THR B 121 31.92 1.46 -2.47
N ASN B 122 32.23 2.06 -3.63
CA ASN B 122 33.57 1.87 -4.25
C ASN B 122 34.58 2.96 -3.84
N ASN B 123 34.26 3.79 -2.84
CA ASN B 123 35.15 4.83 -2.28
C ASN B 123 35.88 5.69 -3.34
N ASP B 124 35.18 6.07 -4.40
CA ASP B 124 35.78 6.87 -5.46
C ASP B 124 35.41 8.37 -5.42
N GLY B 125 34.62 8.77 -4.41
CA GLY B 125 34.16 10.16 -4.26
C GLY B 125 32.80 10.50 -4.86
N TRP B 126 32.28 9.66 -5.76
CA TRP B 126 31.05 9.94 -6.51
C TRP B 126 29.97 8.90 -6.20
N ILE B 127 28.78 9.10 -6.76
CA ILE B 127 27.69 8.14 -6.68
C ILE B 127 27.37 7.77 -8.14
N GLU B 128 27.56 6.49 -8.49
CA GLU B 128 27.39 6.01 -9.87
C GLU B 128 26.96 4.56 -9.94
N ASP B 130 25.65 1.05 -9.61
CA ASP B 130 24.92 0.23 -8.63
C ASP B 130 24.55 1.02 -7.37
N GLU B 131 25.29 2.11 -7.12
CA GLU B 131 25.11 2.92 -5.93
C GLU B 131 23.85 3.75 -5.96
N LEU B 132 23.31 4.00 -7.16
CA LEU B 132 22.01 4.67 -7.32
C LEU B 132 20.86 3.86 -6.73
N TYR B 133 21.05 2.55 -6.65
CA TYR B 133 20.03 1.64 -6.13
C TYR B 133 20.32 1.30 -4.68
N SER B 134 19.44 1.76 -3.79
CA SER B 134 19.54 1.50 -2.34
C SER B 134 18.19 1.06 -1.80
N PRO B 135 18.17 0.04 -0.92
CA PRO B 135 16.91 -0.31 -0.26
C PRO B 135 16.47 0.70 0.81
N GLY B 136 17.41 1.53 1.30
CA GLY B 136 17.11 2.49 2.36
C GLY B 136 17.27 1.90 3.73
N HIS B 137 16.99 2.71 4.73
CA HIS B 137 17.19 2.32 6.13
C HIS B 137 16.23 1.24 6.63
N SER B 138 15.03 1.17 6.04
CA SER B 138 14.00 0.18 6.46
C SER B 138 14.44 -1.28 6.39
N ALA B 139 15.40 -1.57 5.50
CA ALA B 139 15.98 -2.92 5.41
C ALA B 139 16.54 -3.38 6.75
N LEU B 140 17.26 -2.48 7.42
CA LEU B 140 17.87 -2.78 8.73
C LEU B 140 17.15 -2.12 9.93
N MET B 141 16.45 -1.02 9.70
CA MET B 141 15.80 -0.27 10.77
C MET B 141 14.30 -0.52 10.69
N LYS B 142 13.90 -1.66 11.24
CA LYS B 142 12.50 -2.08 11.27
C LYS B 142 12.26 -3.02 12.45
N GLY B 143 11.00 -3.11 12.85
CA GLY B 143 10.60 -3.97 13.97
C GLY B 143 9.10 -4.05 14.11
N THR B 144 8.64 -4.95 14.98
CA THR B 144 7.21 -5.19 15.17
C THR B 144 6.61 -4.27 16.25
N LEU B 145 5.33 -3.98 16.11
CA LEU B 145 4.54 -3.26 17.12
C LEU B 145 3.22 -4.02 17.29
N THR B 146 2.89 -4.37 18.53
CA THR B 146 1.63 -5.07 18.84
C THR B 146 0.92 -4.38 19.99
N LEU B 147 -0.42 -4.48 20.00
CA LEU B 147 -1.26 -4.05 21.10
C LEU B 147 -1.65 -5.29 21.90
N LYS B 148 -1.26 -5.37 23.18
CA LYS B 148 -1.52 -6.57 24.01
C LYS B 148 -2.02 -6.25 25.41
N MET C 1 -10.40 10.59 -27.73
CA MET C 1 -10.07 9.43 -26.88
C MET C 1 -11.03 9.35 -25.67
N ALA C 2 -11.07 8.15 -25.09
CA ALA C 2 -11.98 7.81 -24.03
C ALA C 2 -11.71 8.59 -22.74
N GLU C 3 -12.77 8.98 -22.04
CA GLU C 3 -12.64 9.60 -20.71
C GLU C 3 -12.68 8.47 -19.70
N CYS C 4 -11.66 8.40 -18.84
CA CYS C 4 -11.49 7.32 -17.88
C CYS C 4 -11.35 7.85 -16.44
N SER C 5 -11.94 9.02 -16.20
CA SER C 5 -11.97 9.63 -14.89
C SER C 5 -13.21 10.48 -14.71
N VAL C 6 -13.55 10.77 -13.46
CA VAL C 6 -14.65 11.66 -13.11
C VAL C 6 -14.27 12.45 -11.85
N ASP C 7 -14.65 13.72 -11.81
CA ASP C 7 -14.44 14.58 -10.66
C ASP C 7 -15.75 14.78 -9.94
N ILE C 8 -15.75 14.51 -8.63
CA ILE C 8 -16.97 14.54 -7.82
C ILE C 8 -16.74 15.37 -6.56
N GLN C 9 -17.73 16.16 -6.20
CA GLN C 9 -17.74 16.96 -4.98
C GLN C 9 -18.81 16.45 -4.05
N GLY C 10 -18.50 16.37 -2.77
CA GLY C 10 -19.49 16.10 -1.70
C GLY C 10 -19.48 17.26 -0.74
N ASN C 11 -20.64 17.84 -0.45
CA ASN C 11 -20.71 19.10 0.30
C ASN C 11 -21.37 18.96 1.69
N ASP C 12 -21.51 20.08 2.41
CA ASP C 12 -22.08 20.07 3.77
C ASP C 12 -23.60 19.87 3.82
N GLN C 13 -24.29 19.95 2.68
CA GLN C 13 -25.72 19.58 2.61
C GLN C 13 -25.95 18.10 2.25
N MET C 14 -24.93 17.25 2.38
CA MET C 14 -25.04 15.81 2.11
C MET C 14 -25.51 15.53 0.67
N GLN C 15 -24.79 16.10 -0.28
CA GLN C 15 -25.06 15.95 -1.71
C GLN C 15 -23.78 15.66 -2.46
N PHE C 16 -23.81 14.70 -3.36
CA PHE C 16 -22.81 14.63 -4.44
C PHE C 16 -23.31 15.49 -5.59
N ASN C 17 -22.38 15.98 -6.42
CA ASN C 17 -22.73 16.80 -7.59
C ASN C 17 -22.99 16.01 -8.91
N THR C 18 -23.11 14.68 -8.80
CA THR C 18 -23.67 13.83 -9.86
C THR C 18 -24.52 12.72 -9.26
N ASN C 19 -25.45 12.20 -10.05
CA ASN C 19 -26.25 11.03 -9.69
C ASN C 19 -25.96 9.83 -10.58
N ALA C 20 -25.05 9.96 -11.54
CA ALA C 20 -24.85 8.88 -12.52
C ALA C 20 -23.48 8.95 -13.19
N ILE C 21 -22.77 7.82 -13.18
CA ILE C 21 -21.50 7.63 -13.85
C ILE C 21 -21.70 6.56 -14.92
N THR C 22 -21.23 6.80 -16.13
CA THR C 22 -21.19 5.76 -17.18
C THR C 22 -19.73 5.56 -17.59
N VAL C 23 -19.16 4.41 -17.27
CA VAL C 23 -17.74 4.16 -17.55
C VAL C 23 -17.59 3.56 -18.95
N ASP C 24 -16.66 4.10 -19.73
CA ASP C 24 -16.36 3.65 -21.09
C ASP C 24 -15.63 2.31 -21.07
N LYS C 25 -16.20 1.32 -21.76
CA LYS C 25 -15.63 -0.04 -21.87
C LYS C 25 -14.17 -0.11 -22.31
N SER C 26 -13.73 0.82 -23.15
CA SER C 26 -12.35 0.82 -23.61
C SER C 26 -11.36 1.34 -22.58
N CYS C 27 -11.84 1.90 -21.45
CA CYS C 27 -10.96 2.22 -20.32
C CYS C 27 -10.46 0.95 -19.66
N LYS C 28 -9.15 0.84 -19.47
CA LYS C 28 -8.57 -0.24 -18.68
C LYS C 28 -8.78 0.02 -17.18
N GLN C 29 -8.56 1.27 -16.75
CA GLN C 29 -8.83 1.67 -15.37
C GLN C 29 -9.70 2.91 -15.35
N PHE C 30 -10.42 3.08 -14.24
CA PHE C 30 -11.27 4.25 -14.04
C PHE C 30 -10.85 4.91 -12.74
N THR C 31 -10.88 6.24 -12.70
CA THR C 31 -10.43 7.01 -11.54
C THR C 31 -11.52 8.01 -11.10
N VAL C 32 -11.80 8.03 -9.79
CA VAL C 32 -12.71 9.03 -9.21
C VAL C 32 -11.89 10.00 -8.39
N ASN C 33 -12.05 11.30 -8.65
CA ASN C 33 -11.36 12.35 -7.94
C ASN C 33 -12.40 13.05 -7.04
N LEU C 34 -12.36 12.73 -5.75
CA LEU C 34 -13.33 13.22 -4.79
C LEU C 34 -12.80 14.47 -4.11
N SER C 35 -13.64 15.48 -3.97
CA SER C 35 -13.32 16.66 -3.17
C SER C 35 -14.52 17.02 -2.31
N HIS C 36 -14.30 17.90 -1.34
CA HIS C 36 -15.27 18.22 -0.33
C HIS C 36 -15.34 19.73 -0.05
N PRO C 37 -16.17 20.45 -0.82
CA PRO C 37 -16.47 21.84 -0.45
C PRO C 37 -17.25 21.94 0.85
N GLY C 38 -17.08 23.04 1.58
CA GLY C 38 -17.80 23.25 2.84
C GLY C 38 -16.88 23.66 3.96
N ASN C 39 -17.42 23.71 5.17
CA ASN C 39 -16.71 24.13 6.38
C ASN C 39 -16.60 23.07 7.49
N LEU C 40 -17.39 22.01 7.39
CA LEU C 40 -17.50 21.04 8.49
C LEU C 40 -16.36 20.03 8.41
N PRO C 41 -15.82 19.63 9.58
CA PRO C 41 -14.74 18.64 9.61
C PRO C 41 -15.16 17.20 9.28
N LYS C 42 -14.16 16.37 9.02
CA LYS C 42 -14.33 14.98 8.62
C LYS C 42 -15.21 14.18 9.61
N ASN C 43 -14.95 14.33 10.91
CA ASN C 43 -15.68 13.56 11.92
C ASN C 43 -17.16 13.89 12.05
N VAL C 44 -17.57 15.07 11.58
CA VAL C 44 -18.96 15.52 11.65
C VAL C 44 -19.70 15.38 10.31
N MET C 45 -19.01 15.63 9.21
CA MET C 45 -19.64 15.67 7.88
C MET C 45 -18.73 15.03 6.84
N GLY C 46 -18.09 13.93 7.20
CA GLY C 46 -17.11 13.30 6.31
C GLY C 46 -17.74 12.58 5.15
N HIS C 47 -17.06 12.55 4.01
CA HIS C 47 -17.55 11.80 2.86
C HIS C 47 -16.51 10.85 2.33
N ASN C 48 -16.98 9.74 1.79
CA ASN C 48 -16.16 8.86 0.94
C ASN C 48 -16.96 8.59 -0.33
N TRP C 49 -16.31 7.95 -1.30
CA TRP C 49 -16.98 7.45 -2.50
C TRP C 49 -16.70 5.97 -2.52
N VAL C 50 -17.75 5.15 -2.43
CA VAL C 50 -17.61 3.68 -2.41
C VAL C 50 -18.57 3.02 -3.40
N LEU C 51 -18.08 1.96 -4.02
CA LEU C 51 -18.73 1.32 -5.14
C LEU C 51 -19.06 -0.13 -4.79
N SER C 52 -20.33 -0.52 -5.00
CA SER C 52 -20.77 -1.91 -4.90
C SER C 52 -21.80 -2.18 -5.98
N THR C 53 -22.23 -3.43 -6.10
CA THR C 53 -23.42 -3.75 -6.88
C THR C 53 -24.62 -3.11 -6.18
N ALA C 54 -25.71 -2.89 -6.91
CA ALA C 54 -26.94 -2.38 -6.30
C ALA C 54 -27.42 -3.30 -5.18
N ALA C 55 -27.37 -4.60 -5.45
CA ALA C 55 -27.77 -5.63 -4.49
C ALA C 55 -27.01 -5.54 -3.17
N ASP C 56 -25.69 -5.29 -3.25
CA ASP C 56 -24.82 -5.25 -2.06
C ASP C 56 -24.83 -3.96 -1.25
N MET C 57 -25.37 -2.88 -1.81
CA MET C 57 -25.28 -1.55 -1.17
C MET C 57 -25.77 -1.54 0.27
N GLN C 58 -27.00 -2.02 0.48
CA GLN C 58 -27.62 -2.04 1.81
C GLN C 58 -26.74 -2.77 2.83
N GLY C 59 -26.11 -3.87 2.41
CA GLY C 59 -25.19 -4.60 3.26
C GLY C 59 -23.92 -3.83 3.60
N VAL C 60 -23.31 -3.19 2.62
CA VAL C 60 -22.05 -2.43 2.88
C VAL C 60 -22.34 -1.17 3.71
N VAL C 61 -23.49 -0.50 3.52
CA VAL C 61 -23.81 0.70 4.31
C VAL C 61 -24.08 0.35 5.78
N THR C 62 -24.82 -0.73 6.01
CA THR C 62 -25.12 -1.21 7.37
C THR C 62 -23.84 -1.62 8.14
N ASP C 63 -23.03 -2.49 7.53
CA ASP C 63 -21.78 -2.93 8.18
C ASP C 63 -20.75 -1.81 8.31
N GLY C 64 -20.76 -0.86 7.37
CA GLY C 64 -19.99 0.37 7.49
C GLY C 64 -20.42 1.20 8.68
N MET C 65 -21.74 1.37 8.84
CA MET C 65 -22.34 2.08 9.99
C MET C 65 -21.81 1.48 11.29
N ALA C 66 -21.91 0.15 11.41
CA ALA C 66 -21.46 -0.59 12.59
C ALA C 66 -19.95 -0.49 12.84
N SER C 67 -19.17 -0.48 11.77
CA SER C 67 -17.72 -0.38 11.87
C SER C 67 -17.27 0.95 12.46
N GLY C 68 -17.99 2.02 12.13
CA GLY C 68 -17.81 3.31 12.77
C GLY C 68 -16.68 4.14 12.20
N LEU C 69 -16.51 5.30 12.81
CA LEU C 69 -15.59 6.34 12.35
C LEU C 69 -14.13 5.91 12.23
N ASP C 70 -13.64 5.14 13.19
CA ASP C 70 -12.22 4.72 13.19
C ASP C 70 -11.87 3.71 12.09
N LYS C 71 -12.88 3.07 11.49
CA LYS C 71 -12.69 2.23 10.29
C LYS C 71 -13.21 2.89 9.00
N ASP C 72 -13.27 4.23 8.99
CA ASP C 72 -13.78 5.04 7.86
C ASP C 72 -15.21 4.67 7.44
N TYR C 73 -16.03 4.27 8.42
CA TYR C 73 -17.36 3.70 8.16
C TYR C 73 -17.39 2.64 7.06
N LEU C 74 -16.42 1.72 7.11
CA LEU C 74 -16.33 0.60 6.18
C LEU C 74 -15.89 -0.66 6.93
N LYS C 75 -16.61 -1.77 6.69
CA LYS C 75 -16.16 -3.06 7.19
C LYS C 75 -14.80 -3.35 6.61
N PRO C 76 -13.79 -3.63 7.46
CA PRO C 76 -12.49 -4.02 6.92
C PRO C 76 -12.60 -5.28 6.04
N ASP C 77 -11.93 -5.27 4.90
CA ASP C 77 -11.88 -6.40 3.96
C ASP C 77 -13.25 -6.83 3.47
N ASP C 78 -14.11 -5.86 3.18
CA ASP C 78 -15.44 -6.15 2.68
C ASP C 78 -15.36 -6.50 1.19
N SER C 79 -15.63 -7.76 0.86
CA SER C 79 -15.57 -8.24 -0.53
C SER C 79 -16.57 -7.55 -1.44
N ARG C 80 -17.65 -7.04 -0.88
CA ARG C 80 -18.70 -6.37 -1.66
C ARG C 80 -18.28 -4.98 -2.14
N VAL C 81 -17.25 -4.40 -1.53
CA VAL C 81 -16.74 -3.09 -1.93
C VAL C 81 -15.74 -3.27 -3.06
N ILE C 82 -16.15 -2.88 -4.26
CA ILE C 82 -15.33 -2.96 -5.48
C ILE C 82 -14.17 -1.95 -5.47
N ALA C 83 -14.48 -0.71 -5.06
CA ALA C 83 -13.47 0.33 -4.90
C ALA C 83 -13.99 1.38 -3.93
N HIS C 84 -13.07 2.10 -3.29
CA HIS C 84 -13.46 3.17 -2.37
C HIS C 84 -12.35 4.20 -2.20
N THR C 85 -12.74 5.45 -2.01
CA THR C 85 -11.82 6.48 -1.50
C THR C 85 -11.74 6.32 0.01
N LYS C 86 -10.78 7.01 0.62
CA LYS C 86 -10.79 7.18 2.07
C LYS C 86 -11.86 8.23 2.44
N LEU C 87 -12.11 8.36 3.73
CA LEU C 87 -13.06 9.33 4.24
C LEU C 87 -12.37 10.71 4.32
N ILE C 88 -13.01 11.74 3.75
CA ILE C 88 -12.44 13.09 3.75
C ILE C 88 -13.38 14.13 4.35
N GLY C 89 -12.78 15.11 5.04
CA GLY C 89 -13.51 16.28 5.52
C GLY C 89 -13.42 17.43 4.51
N SER C 90 -14.04 18.54 4.88
CA SER C 90 -13.98 19.75 4.06
C SER C 90 -12.55 20.19 3.81
N GLY C 91 -12.29 20.63 2.59
CA GLY C 91 -10.96 21.09 2.18
C GLY C 91 -10.02 20.01 1.69
N GLU C 92 -10.37 18.73 1.88
CA GLU C 92 -9.52 17.62 1.47
C GLU C 92 -9.94 17.07 0.11
N LYS C 93 -9.03 16.33 -0.51
CA LYS C 93 -9.26 15.58 -1.73
C LYS C 93 -8.79 14.14 -1.51
N ASP C 94 -9.34 13.22 -2.29
CA ASP C 94 -8.76 11.88 -2.45
C ASP C 94 -9.19 11.27 -3.78
N SER C 95 -8.32 10.44 -4.34
CA SER C 95 -8.61 9.71 -5.59
C SER C 95 -8.49 8.21 -5.39
N VAL C 96 -9.35 7.47 -6.07
CA VAL C 96 -9.22 6.01 -6.17
C VAL C 96 -9.27 5.62 -7.64
N THR C 97 -8.39 4.69 -8.01
CA THR C 97 -8.36 4.10 -9.33
C THR C 97 -8.61 2.61 -9.19
N PHE C 98 -9.47 2.06 -10.04
CA PHE C 98 -9.76 0.63 -10.05
C PHE C 98 -9.81 0.10 -11.48
N ASP C 99 -9.62 -1.21 -11.62
CA ASP C 99 -9.62 -1.88 -12.93
C ASP C 99 -11.05 -2.07 -13.42
N VAL C 100 -11.31 -1.70 -14.68
CA VAL C 100 -12.67 -1.81 -15.25
C VAL C 100 -13.05 -3.29 -15.46
N SER C 101 -12.07 -4.20 -15.49
CA SER C 101 -12.33 -5.65 -15.49
C SER C 101 -13.16 -6.14 -14.30
N LYS C 102 -13.11 -5.41 -13.18
CA LYS C 102 -13.97 -5.70 -12.03
C LYS C 102 -15.47 -5.41 -12.25
N LEU C 103 -15.82 -4.82 -13.39
CA LEU C 103 -17.21 -4.52 -13.77
C LEU C 103 -17.70 -5.42 -14.91
N LYS C 104 -18.98 -5.78 -14.88
CA LYS C 104 -19.65 -6.54 -15.96
C LYS C 104 -20.68 -5.61 -16.59
N GLU C 105 -20.76 -5.59 -17.93
CA GLU C 105 -21.85 -4.87 -18.60
C GLU C 105 -23.14 -5.65 -18.40
N GLY C 106 -24.25 -4.91 -18.20
CA GLY C 106 -25.53 -5.49 -17.80
C GLY C 106 -25.81 -5.48 -16.30
N GLU C 107 -24.76 -5.49 -15.48
CA GLU C 107 -24.88 -5.44 -14.02
C GLU C 107 -25.19 -3.99 -13.57
N GLN C 108 -25.98 -3.86 -12.51
CA GLN C 108 -26.33 -2.57 -11.91
C GLN C 108 -25.42 -2.29 -10.71
N TYR C 109 -24.68 -1.18 -10.75
CA TYR C 109 -23.86 -0.75 -9.61
C TYR C 109 -24.37 0.56 -9.03
N MET C 110 -24.01 0.78 -7.77
CA MET C 110 -24.27 2.02 -7.06
C MET C 110 -22.98 2.57 -6.46
N PHE C 111 -22.80 3.89 -6.55
CA PHE C 111 -21.81 4.60 -5.74
C PHE C 111 -22.52 5.36 -4.62
N PHE C 112 -21.85 5.55 -3.50
CA PHE C 112 -22.47 6.18 -2.33
C PHE C 112 -21.44 6.54 -1.26
N CYS C 113 -21.87 7.35 -0.30
CA CYS C 113 -21.10 7.61 0.91
C CYS C 113 -21.66 6.76 2.06
N THR C 114 -20.78 6.16 2.85
CA THR C 114 -21.17 5.29 3.96
C THR C 114 -21.08 5.96 5.33
N PHE C 115 -20.73 7.25 5.36
CA PHE C 115 -20.63 7.97 6.61
C PHE C 115 -22.01 8.04 7.26
N SER C 116 -22.00 7.86 8.59
CA SER C 116 -23.23 7.89 9.35
C SER C 116 -22.96 8.53 10.71
N GLY C 117 -23.15 9.84 10.77
CA GLY C 117 -23.34 10.53 12.03
C GLY C 117 -24.82 10.45 12.40
N TYR C 118 -25.08 10.75 13.66
CA TYR C 118 -26.44 10.99 14.14
C TYR C 118 -26.79 12.46 13.91
N ILE C 119 -28.06 12.72 13.60
CA ILE C 119 -28.55 14.05 13.32
C ILE C 119 -29.54 14.45 14.41
N ASP C 120 -29.30 15.62 15.01
CA ASP C 120 -30.12 16.12 16.11
C ASP C 120 -31.31 16.92 15.56
N THR C 121 -32.30 16.19 15.05
CA THR C 121 -33.45 16.79 14.39
C THR C 121 -34.23 17.78 15.28
N ASN C 122 -34.30 17.52 16.58
CA ASN C 122 -34.94 18.46 17.55
C ASN C 122 -34.57 19.97 17.41
N ASP C 124 -31.95 20.83 20.59
CA ASP C 124 -32.06 20.05 21.81
C ASP C 124 -30.68 19.82 22.49
N GLY C 125 -29.67 19.59 21.63
CA GLY C 125 -28.29 19.31 22.08
C GLY C 125 -27.90 17.84 22.23
N TRP C 126 -28.88 16.94 22.24
CA TRP C 126 -28.62 15.50 22.46
C TRP C 126 -29.02 14.66 21.27
N ILE C 127 -28.73 13.37 21.35
CA ILE C 127 -29.16 12.38 20.37
C ILE C 127 -30.03 11.38 21.13
N GLU C 128 -31.31 11.30 20.76
CA GLU C 128 -32.29 10.47 21.49
C GLU C 128 -33.40 9.98 20.60
N GLY C 129 -34.06 8.91 21.04
CA GLY C 129 -35.30 8.45 20.43
C GLY C 129 -35.10 8.09 18.98
N ASP C 130 -35.89 8.73 18.10
CA ASP C 130 -35.91 8.43 16.67
C ASP C 130 -34.65 8.85 15.93
N GLU C 131 -33.85 9.73 16.55
CA GLU C 131 -32.57 10.15 15.98
C GLU C 131 -31.51 9.05 16.01
N LEU C 132 -31.68 8.08 16.92
CA LEU C 132 -30.78 6.91 16.98
C LEU C 132 -30.92 6.04 15.74
N TYR C 133 -32.03 6.14 15.01
CA TYR C 133 -32.13 5.54 13.67
C TYR C 133 -31.76 6.58 12.60
N SER C 134 -30.62 6.40 11.97
CA SER C 134 -30.20 7.22 10.84
C SER C 134 -29.71 6.29 9.76
N PRO C 135 -30.17 6.52 8.50
CA PRO C 135 -29.61 5.74 7.40
C PRO C 135 -28.18 6.18 7.01
N GLY C 136 -27.76 7.36 7.46
CA GLY C 136 -26.46 7.91 7.11
C GLY C 136 -26.53 8.68 5.82
N HIS C 137 -25.37 8.98 5.28
CA HIS C 137 -25.26 9.81 4.08
C HIS C 137 -25.76 9.13 2.81
N SER C 138 -25.71 7.80 2.76
CA SER C 138 -26.16 7.02 1.58
C SER C 138 -27.60 7.28 1.14
N ALA C 139 -28.47 7.66 2.08
CA ALA C 139 -29.86 8.03 1.77
C ALA C 139 -29.91 9.11 0.70
N LEU C 140 -29.07 10.13 0.85
CA LEU C 140 -29.01 11.27 -0.09
C LEU C 140 -27.79 11.26 -1.00
N MET C 141 -26.70 10.63 -0.59
CA MET C 141 -25.46 10.63 -1.35
C MET C 141 -25.28 9.26 -1.99
N LYS C 142 -25.98 9.08 -3.11
CA LYS C 142 -25.95 7.84 -3.87
C LYS C 142 -26.26 8.12 -5.33
N GLY C 143 -25.83 7.19 -6.18
CA GLY C 143 -26.08 7.30 -7.63
C GLY C 143 -25.69 6.03 -8.34
N THR C 144 -26.04 5.96 -9.62
CA THR C 144 -25.83 4.76 -10.43
C THR C 144 -24.45 4.80 -11.11
N LEU C 145 -23.90 3.61 -11.36
CA LEU C 145 -22.69 3.45 -12.15
C LEU C 145 -22.93 2.29 -13.12
N THR C 146 -22.74 2.54 -14.42
CA THR C 146 -22.92 1.52 -15.46
C THR C 146 -21.68 1.44 -16.35
N LEU C 147 -21.42 0.25 -16.88
CA LEU C 147 -20.38 0.01 -17.87
C LEU C 147 -21.07 -0.10 -19.23
N LYS C 148 -20.75 0.80 -20.17
CA LYS C 148 -21.42 0.82 -21.49
C LYS C 148 -20.45 0.96 -22.67
#